data_5AJY
#
_entry.id   5AJY
#
_cell.length_a   102.817
_cell.length_b   102.817
_cell.length_c   261.793
_cell.angle_alpha   90.00
_cell.angle_beta   90.00
_cell.angle_gamma   120.00
#
_symmetry.space_group_name_H-M   'P 65 2 2'
#
loop_
_entity.id
_entity.type
_entity.pdbx_description
1 polymer '6-PHOSPHOFRUCTO-2-KINASE/FRUCTOSE-2,6-BISPHOSPHATASE 3'
2 non-polymer 'PHOSPHONIC ACID'
3 non-polymer 'PHOSPHATE ION'
4 non-polymer 6-O-phosphono-beta-D-fructofuranose
5 non-polymer N-(4-{[3-(1-methyl-1H-pyrazol-4-yl)-1H-indol-5-yl]oxy}phenyl)glycinamide
6 water water
#
_entity_poly.entity_id   1
_entity_poly.type   'polypeptide(L)'
_entity_poly.pdbx_seq_one_letter_code
;MPLELTQSRVQKIWVPVDHRPSLPRSCGPKLTNSPTVIVMVGLPARGKTYISKKLTRYLNWIGVPTKVFNVGEYRREAVK
QYSSYNFFRPDNEEAMKVRKQCALAALRDVKSYLAKEGGQIAVFDATNTTRERRHMILHFAKENDFKAFFIESVCDDPTV
VASNIMEVKISSPDYKDCNSAEAMDDFMKRISCYEASYQPLDPDKCDRDLSLIKVIDVGRRFLVNRVQDHIQSRIVYYLM
NIHVQPRTIYLCRHGENEHNLQGRIGGDSGLSSRGKKFASALSKFVEEQNLKDLRVWTSQLKSTIQTAEALRLPYEQWKA
LNEIDAGVCEELTYEEIRDTYPEEYALREQDKYYYRYPTGESYQDLVQRLEPVIMELERQENVLVICHQAVLRCLLAYFL
DKSAEEMPYLKCPLHTVLKLTPVAYGCRVESIYLNVESVCTHRERSEDAKKGPNPLMRRNSVTPLASPEPTKKPRINSFE
EHVASTSAALPSCLPPEVPTQLPGQNMKGSRSSADSSRKH
;
_entity_poly.pdbx_strand_id   A
#
# COMPACT_ATOMS: atom_id res chain seq x y z
N PRO A 2 -32.46 -1.95 -30.64
CA PRO A 2 -32.12 -2.23 -29.23
C PRO A 2 -30.68 -2.66 -29.03
N LEU A 3 -30.25 -2.62 -27.75
CA LEU A 3 -28.89 -2.96 -27.26
C LEU A 3 -27.78 -2.07 -27.89
N GLU A 4 -28.07 -0.75 -28.12
CA GLU A 4 -27.12 0.22 -28.68
C GLU A 4 -26.08 0.68 -27.67
N LEU A 5 -24.81 0.37 -27.94
CA LEU A 5 -23.71 0.70 -27.05
C LEU A 5 -22.69 1.57 -27.72
N THR A 6 -21.94 2.33 -26.92
CA THR A 6 -20.82 3.14 -27.37
C THR A 6 -19.60 2.83 -26.50
N GLN A 7 -18.41 2.91 -27.09
CA GLN A 7 -17.17 2.66 -26.35
C GLN A 7 -16.61 3.98 -25.79
N SER A 8 -16.52 4.10 -24.44
CA SER A 8 -15.97 5.31 -23.80
C SER A 8 -14.52 5.56 -24.28
N ARG A 9 -14.23 6.78 -24.71
CA ARG A 9 -12.94 7.17 -25.32
C ARG A 9 -11.70 6.95 -24.48
N VAL A 10 -11.77 7.19 -23.18
CA VAL A 10 -10.60 7.04 -22.31
C VAL A 10 -10.37 5.56 -21.91
N GLN A 11 -11.30 4.98 -21.12
CA GLN A 11 -11.20 3.63 -20.59
C GLN A 11 -11.57 2.53 -21.57
N LYS A 12 -12.19 2.87 -22.72
CA LYS A 12 -12.58 1.91 -23.76
C LYS A 12 -13.66 0.93 -23.28
N ILE A 13 -14.53 1.37 -22.36
CA ILE A 13 -15.64 0.58 -21.78
C ILE A 13 -16.91 0.73 -22.62
N TRP A 14 -17.55 -0.39 -22.98
CA TRP A 14 -18.82 -0.36 -23.73
C TRP A 14 -19.94 -0.04 -22.78
N VAL A 15 -20.63 1.08 -23.05
CA VAL A 15 -21.72 1.58 -22.23
C VAL A 15 -22.99 1.77 -23.09
N PRO A 16 -24.21 1.67 -22.51
CA PRO A 16 -25.41 1.94 -23.32
C PRO A 16 -25.38 3.40 -23.80
N VAL A 17 -25.69 3.63 -25.09
CA VAL A 17 -25.76 4.98 -25.66
C VAL A 17 -26.75 5.78 -24.77
N ASP A 18 -26.30 6.85 -24.16
CA ASP A 18 -27.18 7.58 -23.25
C ASP A 18 -27.75 8.84 -23.90
N HIS A 19 -28.96 8.68 -24.43
CA HIS A 19 -29.74 9.72 -25.04
C HIS A 19 -30.57 10.26 -23.92
N ARG A 20 -29.97 11.17 -23.14
CA ARG A 20 -30.62 11.79 -22.00
C ARG A 20 -31.88 12.53 -22.45
N PRO A 21 -32.98 12.48 -21.66
CA PRO A 21 -34.20 13.21 -22.07
C PRO A 21 -34.01 14.73 -21.96
N SER A 22 -35.04 15.50 -22.34
CA SER A 22 -35.07 16.97 -22.32
C SER A 22 -34.48 17.55 -21.04
N LEU A 23 -34.85 16.96 -19.88
CA LEU A 23 -34.39 17.35 -18.54
C LEU A 23 -33.52 16.20 -18.00
N PRO A 24 -32.17 16.22 -18.27
CA PRO A 24 -31.31 15.13 -17.77
C PRO A 24 -31.27 15.07 -16.24
N ARG A 25 -31.50 13.87 -15.68
CA ARG A 25 -31.50 13.62 -14.24
C ARG A 25 -30.28 12.77 -13.87
N SER A 26 -29.55 13.19 -12.82
CA SER A 26 -28.34 12.51 -12.34
C SER A 26 -28.59 11.11 -11.70
N CYS A 27 -29.71 10.95 -10.92
CA CYS A 27 -30.13 9.70 -10.25
C CYS A 27 -29.13 9.22 -9.16
N ASN A 33 -21.69 -0.62 -2.59
CA ASN A 33 -22.08 -1.36 -1.39
C ASN A 33 -21.53 -0.77 -0.08
N SER A 34 -22.21 -1.06 1.05
CA SER A 34 -21.96 -0.54 2.41
C SER A 34 -20.48 -0.32 2.79
N PRO A 35 -20.14 0.90 3.29
CA PRO A 35 -18.76 1.16 3.73
C PRO A 35 -18.39 0.38 4.99
N THR A 36 -17.09 0.25 5.26
CA THR A 36 -16.62 -0.48 6.43
C THR A 36 -15.78 0.36 7.37
N VAL A 37 -16.04 0.21 8.66
CA VAL A 37 -15.24 0.78 9.73
C VAL A 37 -14.39 -0.40 10.24
N ILE A 38 -13.07 -0.30 10.03
CA ILE A 38 -12.11 -1.25 10.58
C ILE A 38 -11.73 -0.72 11.97
N VAL A 39 -12.02 -1.50 13.02
CA VAL A 39 -11.74 -1.11 14.41
C VAL A 39 -10.44 -1.78 14.91
N MET A 40 -9.39 -0.98 15.17
CA MET A 40 -8.16 -1.53 15.73
C MET A 40 -8.37 -1.75 17.23
N VAL A 41 -7.89 -2.90 17.75
CA VAL A 41 -8.07 -3.27 19.16
C VAL A 41 -6.74 -3.75 19.75
N GLY A 42 -6.41 -3.28 20.96
CA GLY A 42 -5.19 -3.69 21.63
C GLY A 42 -4.50 -2.64 22.46
N LEU A 43 -3.61 -3.11 23.35
CA LEU A 43 -2.79 -2.27 24.22
C LEU A 43 -1.82 -1.43 23.37
N PRO A 44 -1.26 -0.29 23.89
CA PRO A 44 -0.25 0.44 23.09
C PRO A 44 0.99 -0.44 22.81
N ALA A 45 1.76 -0.07 21.75
CA ALA A 45 2.96 -0.75 21.26
C ALA A 45 2.69 -2.20 20.78
N ARG A 46 1.51 -2.40 20.19
CA ARG A 46 1.08 -3.70 19.67
C ARG A 46 1.03 -3.71 18.14
N GLY A 47 1.61 -2.69 17.52
CA GLY A 47 1.65 -2.57 16.07
C GLY A 47 0.34 -2.23 15.38
N LYS A 48 -0.64 -1.64 16.13
CA LYS A 48 -1.94 -1.25 15.57
C LYS A 48 -1.80 -0.18 14.49
N THR A 49 -0.95 0.84 14.71
CA THR A 49 -0.66 1.92 13.76
C THR A 49 0.11 1.35 12.56
N TYR A 50 1.01 0.39 12.80
CA TYR A 50 1.76 -0.29 11.75
C TYR A 50 0.78 -1.05 10.82
N ILE A 51 -0.16 -1.83 11.41
CA ILE A 51 -1.20 -2.54 10.68
C ILE A 51 -2.10 -1.55 9.90
N SER A 52 -2.60 -0.51 10.59
CA SER A 52 -3.48 0.52 10.04
C SER A 52 -2.90 1.12 8.78
N LYS A 53 -1.64 1.56 8.85
CA LYS A 53 -0.93 2.25 7.79
C LYS A 53 -0.63 1.36 6.59
N LYS A 54 -0.12 0.15 6.85
CA LYS A 54 0.23 -0.82 5.80
C LYS A 54 -1.02 -1.31 5.02
N LEU A 55 -2.08 -1.67 5.75
CA LEU A 55 -3.36 -2.10 5.20
C LEU A 55 -4.03 -1.00 4.34
N THR A 56 -3.96 0.27 4.80
CA THR A 56 -4.50 1.45 4.12
C THR A 56 -3.74 1.67 2.80
N ARG A 57 -2.41 1.48 2.83
CA ARG A 57 -1.51 1.62 1.70
C ARG A 57 -1.85 0.58 0.59
N TYR A 58 -2.11 -0.66 1.01
CA TYR A 58 -2.48 -1.76 0.14
C TYR A 58 -3.89 -1.56 -0.46
N LEU A 59 -4.87 -1.23 0.39
CA LEU A 59 -6.27 -1.00 -0.03
C LEU A 59 -6.40 0.17 -0.99
N ASN A 60 -5.70 1.27 -0.75
CA ASN A 60 -5.73 2.40 -1.66
C ASN A 60 -5.12 2.04 -3.02
N TRP A 61 -3.96 1.35 -3.02
CA TRP A 61 -3.25 0.90 -4.23
C TRP A 61 -4.12 -0.01 -5.11
N ILE A 62 -4.90 -0.94 -4.51
CA ILE A 62 -5.81 -1.82 -5.26
C ILE A 62 -7.09 -1.10 -5.70
N GLY A 63 -7.28 0.16 -5.29
CA GLY A 63 -8.42 0.98 -5.68
C GLY A 63 -9.58 1.08 -4.72
N VAL A 64 -9.38 0.74 -3.45
CA VAL A 64 -10.43 0.86 -2.43
C VAL A 64 -10.11 2.12 -1.61
N PRO A 65 -10.86 3.24 -1.76
CA PRO A 65 -10.52 4.47 -0.98
C PRO A 65 -10.56 4.21 0.52
N THR A 66 -9.39 4.36 1.16
CA THR A 66 -9.19 4.06 2.58
C THR A 66 -8.47 5.19 3.29
N LYS A 67 -8.89 5.44 4.54
CA LYS A 67 -8.27 6.46 5.37
C LYS A 67 -8.18 6.00 6.82
N VAL A 68 -7.05 6.34 7.48
CA VAL A 68 -6.81 6.10 8.90
C VAL A 68 -7.25 7.33 9.73
N PHE A 69 -7.98 7.07 10.83
CA PHE A 69 -8.42 8.06 11.82
C PHE A 69 -7.77 7.65 13.13
N ASN A 70 -6.62 8.26 13.44
CA ASN A 70 -5.84 7.97 14.65
C ASN A 70 -6.25 8.95 15.74
N VAL A 71 -6.87 8.41 16.81
CA VAL A 71 -7.40 9.20 17.94
C VAL A 71 -6.29 10.01 18.67
N GLY A 72 -5.06 9.49 18.70
CA GLY A 72 -3.90 10.15 19.30
C GLY A 72 -3.53 11.47 18.62
N GLU A 73 -3.78 11.56 17.29
CA GLU A 73 -3.52 12.75 16.50
C GLU A 73 -4.55 13.85 16.76
N TYR A 74 -5.79 13.44 17.07
CA TYR A 74 -6.88 14.33 17.46
C TYR A 74 -6.58 14.90 18.86
N ARG A 75 -5.94 14.08 19.70
CA ARG A 75 -5.52 14.43 21.05
C ARG A 75 -4.33 15.43 21.01
N ARG A 76 -3.33 15.20 20.13
CA ARG A 76 -2.19 16.11 19.96
C ARG A 76 -2.63 17.50 19.45
N GLU A 77 -3.77 17.53 18.73
CA GLU A 77 -4.41 18.71 18.18
C GLU A 77 -5.19 19.45 19.27
N ALA A 78 -5.91 18.71 20.13
CA ALA A 78 -6.71 19.30 21.22
C ALA A 78 -5.87 19.75 22.41
N VAL A 79 -4.83 18.97 22.74
CA VAL A 79 -3.90 19.22 23.84
C VAL A 79 -2.52 19.48 23.23
N LYS A 80 -2.15 20.76 23.16
CA LYS A 80 -0.92 21.32 22.57
C LYS A 80 0.37 20.55 22.92
N GLN A 81 0.80 20.54 24.20
CA GLN A 81 2.03 19.85 24.61
C GLN A 81 1.75 18.65 25.50
N TYR A 82 2.44 17.50 25.24
CA TYR A 82 2.33 16.27 26.04
C TYR A 82 3.39 16.31 27.13
N SER A 83 2.97 16.07 28.39
CA SER A 83 3.93 16.09 29.49
C SER A 83 4.34 14.69 29.96
N SER A 84 3.37 13.80 30.31
CA SER A 84 3.66 12.43 30.80
C SER A 84 2.46 11.49 30.76
N TYR A 85 2.68 10.21 31.20
CA TYR A 85 1.72 9.11 31.31
C TYR A 85 0.54 9.49 32.23
N ASN A 86 0.73 10.51 33.09
CA ASN A 86 -0.26 11.06 34.01
C ASN A 86 -1.53 11.51 33.28
N PHE A 87 -1.41 11.88 31.99
CA PHE A 87 -2.51 12.26 31.10
C PHE A 87 -3.40 11.04 30.83
N PHE A 88 -2.78 9.84 30.82
CA PHE A 88 -3.47 8.59 30.53
C PHE A 88 -3.98 7.87 31.78
N ARG A 89 -3.79 8.44 32.97
CA ARG A 89 -4.26 7.83 34.22
C ARG A 89 -5.78 7.62 34.22
N PRO A 90 -6.29 6.45 34.66
CA PRO A 90 -7.74 6.25 34.73
C PRO A 90 -8.43 7.22 35.70
N ASP A 91 -7.69 7.76 36.70
CA ASP A 91 -8.25 8.70 37.68
C ASP A 91 -8.20 10.17 37.21
N ASN A 92 -7.62 10.43 36.02
CA ASN A 92 -7.52 11.75 35.39
C ASN A 92 -8.84 12.10 34.72
N GLU A 93 -9.82 12.56 35.53
CA GLU A 93 -11.16 12.92 35.09
C GLU A 93 -11.21 13.84 33.85
N GLU A 94 -10.43 14.94 33.87
CA GLU A 94 -10.35 15.93 32.80
C GLU A 94 -9.80 15.35 31.49
N ALA A 95 -8.63 14.67 31.54
CA ALA A 95 -8.06 14.06 30.35
C ALA A 95 -8.94 12.94 29.78
N MET A 96 -9.67 12.20 30.65
CA MET A 96 -10.59 11.13 30.23
C MET A 96 -11.74 11.71 29.40
N LYS A 97 -12.21 12.93 29.76
CA LYS A 97 -13.27 13.65 29.05
C LYS A 97 -12.72 14.08 27.68
N VAL A 98 -11.51 14.66 27.66
CA VAL A 98 -10.81 15.11 26.46
C VAL A 98 -10.59 13.94 25.48
N ARG A 99 -10.09 12.81 25.99
CA ARG A 99 -9.83 11.59 25.20
C ARG A 99 -11.11 11.06 24.55
N LYS A 100 -12.23 11.06 25.29
CA LYS A 100 -13.54 10.63 24.76
C LYS A 100 -14.00 11.58 23.63
N GLN A 101 -13.88 12.91 23.85
CA GLN A 101 -14.22 13.97 22.88
C GLN A 101 -13.44 13.79 21.58
N CYS A 102 -12.13 13.46 21.69
CA CYS A 102 -11.23 13.17 20.57
C CYS A 102 -11.68 11.96 19.77
N ALA A 103 -12.10 10.89 20.46
CA ALA A 103 -12.60 9.65 19.83
C ALA A 103 -13.90 9.96 19.08
N LEU A 104 -14.82 10.73 19.71
CA LEU A 104 -16.09 11.14 19.12
C LEU A 104 -15.91 12.06 17.91
N ALA A 105 -14.91 12.95 17.97
CA ALA A 105 -14.55 13.86 16.88
C ALA A 105 -13.98 13.04 15.69
N ALA A 106 -13.18 11.98 15.98
CA ALA A 106 -12.65 11.07 14.96
C ALA A 106 -13.78 10.31 14.29
N LEU A 107 -14.77 9.82 15.07
CA LEU A 107 -15.93 9.11 14.55
C LEU A 107 -16.81 10.02 13.68
N ARG A 108 -16.92 11.31 14.04
CA ARG A 108 -17.65 12.33 13.29
C ARG A 108 -17.02 12.42 11.90
N ASP A 109 -15.67 12.46 11.85
CA ASP A 109 -14.88 12.49 10.61
C ASP A 109 -14.97 11.19 9.84
N VAL A 110 -15.20 10.04 10.54
CA VAL A 110 -15.39 8.72 9.92
C VAL A 110 -16.73 8.75 9.15
N LYS A 111 -17.80 9.29 9.77
CA LYS A 111 -19.14 9.41 9.18
C LYS A 111 -19.09 10.29 7.93
N SER A 112 -18.42 11.44 8.01
CA SER A 112 -18.25 12.37 6.90
C SER A 112 -17.44 11.74 5.75
N TYR A 113 -16.39 10.96 6.09
CA TYR A 113 -15.56 10.31 5.08
C TYR A 113 -16.32 9.25 4.28
N LEU A 114 -17.03 8.36 4.98
CA LEU A 114 -17.76 7.25 4.40
C LEU A 114 -19.10 7.60 3.77
N ALA A 115 -19.85 8.52 4.37
CA ALA A 115 -21.16 8.90 3.86
C ALA A 115 -21.15 10.10 2.91
N LYS A 116 -20.12 10.95 2.97
CA LYS A 116 -20.12 12.18 2.16
C LYS A 116 -18.89 12.41 1.29
N GLU A 117 -17.82 11.63 1.46
CA GLU A 117 -16.61 11.88 0.67
C GLU A 117 -16.24 10.77 -0.30
N GLY A 118 -17.07 9.74 -0.42
CA GLY A 118 -16.79 8.62 -1.30
C GLY A 118 -15.74 7.63 -0.80
N GLY A 119 -15.47 7.68 0.51
CA GLY A 119 -14.54 6.75 1.15
C GLY A 119 -15.21 5.42 1.33
N GLN A 120 -14.45 4.35 1.19
CA GLN A 120 -15.03 3.01 1.34
C GLN A 120 -14.66 2.36 2.64
N ILE A 121 -13.43 2.57 3.11
CA ILE A 121 -12.94 1.99 4.35
C ILE A 121 -12.36 3.06 5.26
N ALA A 122 -12.78 3.06 6.52
CA ALA A 122 -12.25 3.98 7.53
C ALA A 122 -11.59 3.10 8.59
N VAL A 123 -10.30 3.31 8.80
CA VAL A 123 -9.57 2.53 9.81
C VAL A 123 -9.53 3.38 11.08
N PHE A 124 -10.30 2.97 12.10
CA PHE A 124 -10.38 3.62 13.41
C PHE A 124 -9.24 3.09 14.31
N ASP A 125 -8.12 3.84 14.29
CA ASP A 125 -6.88 3.50 14.97
C ASP A 125 -6.81 4.09 16.39
N ALA A 126 -7.22 3.27 17.36
CA ALA A 126 -7.20 3.57 18.78
C ALA A 126 -7.04 2.24 19.54
N THR A 127 -6.92 2.32 20.87
CA THR A 127 -6.79 1.15 21.74
C THR A 127 -8.08 0.31 21.71
N ASN A 128 -9.27 0.97 21.86
CA ASN A 128 -10.60 0.33 21.84
C ASN A 128 -10.59 -0.99 22.64
N THR A 129 -9.92 -0.91 23.81
CA THR A 129 -9.62 -2.00 24.75
C THR A 129 -10.80 -2.41 25.65
N THR A 130 -11.80 -1.53 25.79
CA THR A 130 -12.97 -1.84 26.63
C THR A 130 -14.16 -2.21 25.76
N ARG A 131 -15.03 -3.09 26.29
CA ARG A 131 -16.26 -3.53 25.63
C ARG A 131 -17.17 -2.31 25.44
N GLU A 132 -17.21 -1.40 26.44
CA GLU A 132 -17.99 -0.15 26.43
C GLU A 132 -17.65 0.69 25.19
N ARG A 133 -16.34 0.97 24.95
CA ARG A 133 -15.89 1.73 23.78
C ARG A 133 -16.32 1.04 22.49
N ARG A 134 -16.12 -0.29 22.40
CA ARG A 134 -16.46 -1.08 21.22
C ARG A 134 -17.97 -1.17 20.97
N HIS A 135 -18.78 -1.16 22.05
CA HIS A 135 -20.25 -1.19 21.96
C HIS A 135 -20.75 0.13 21.36
N MET A 136 -20.08 1.23 21.75
CA MET A 136 -20.33 2.58 21.27
C MET A 136 -19.96 2.67 19.78
N ILE A 137 -18.83 2.06 19.35
CA ILE A 137 -18.41 2.06 17.95
C ILE A 137 -19.39 1.24 17.09
N LEU A 138 -19.86 0.10 17.62
CA LEU A 138 -20.87 -0.75 16.99
C LEU A 138 -22.18 0.01 16.80
N HIS A 139 -22.64 0.74 17.86
CA HIS A 139 -23.85 1.54 17.79
C HIS A 139 -23.73 2.58 16.67
N PHE A 140 -22.60 3.30 16.64
CA PHE A 140 -22.26 4.28 15.62
C PHE A 140 -22.30 3.64 14.20
N ALA A 141 -21.76 2.41 14.03
CA ALA A 141 -21.74 1.70 12.75
C ALA A 141 -23.17 1.28 12.33
N LYS A 142 -23.93 0.64 13.24
CA LYS A 142 -25.31 0.20 12.99
C LYS A 142 -26.22 1.38 12.60
N GLU A 143 -26.16 2.50 13.35
CA GLU A 143 -27.00 3.67 13.07
C GLU A 143 -26.67 4.35 11.71
N ASN A 144 -25.42 4.23 11.23
CA ASN A 144 -24.97 4.83 9.97
C ASN A 144 -24.94 3.85 8.80
N ASP A 145 -25.38 2.60 9.04
CA ASP A 145 -25.39 1.49 8.06
C ASP A 145 -23.96 1.16 7.54
N PHE A 146 -22.98 1.21 8.46
CA PHE A 146 -21.61 0.86 8.15
C PHE A 146 -21.35 -0.51 8.69
N LYS A 147 -20.50 -1.26 8.00
CA LYS A 147 -20.09 -2.57 8.48
C LYS A 147 -18.96 -2.32 9.49
N ALA A 148 -18.80 -3.23 10.44
CA ALA A 148 -17.73 -3.15 11.44
C ALA A 148 -16.89 -4.43 11.35
N PHE A 149 -15.56 -4.28 11.25
CA PHE A 149 -14.61 -5.38 11.21
C PHE A 149 -13.51 -5.05 12.22
N PHE A 150 -13.29 -5.95 13.19
CA PHE A 150 -12.31 -5.73 14.24
C PHE A 150 -11.00 -6.42 13.98
N ILE A 151 -9.89 -5.70 14.19
CA ILE A 151 -8.55 -6.25 14.06
C ILE A 151 -7.86 -6.03 15.40
N GLU A 152 -7.66 -7.12 16.14
CA GLU A 152 -7.00 -7.06 17.43
C GLU A 152 -5.58 -7.61 17.33
N SER A 153 -4.63 -6.88 17.91
CA SER A 153 -3.24 -7.33 17.96
C SER A 153 -2.92 -7.66 19.43
N VAL A 154 -2.67 -8.95 19.69
CA VAL A 154 -2.36 -9.50 21.01
C VAL A 154 -0.90 -9.97 21.03
N CYS A 155 -0.08 -9.42 21.95
CA CYS A 155 1.32 -9.82 22.12
C CYS A 155 1.79 -9.64 23.55
N ASP A 156 2.34 -10.71 24.10
CA ASP A 156 2.84 -10.82 25.47
C ASP A 156 4.36 -10.75 25.54
N ASP A 157 5.08 -10.79 24.38
CA ASP A 157 6.54 -10.75 24.33
C ASP A 157 7.12 -9.37 24.74
N PRO A 158 7.85 -9.27 25.88
CA PRO A 158 8.39 -7.96 26.30
C PRO A 158 9.49 -7.40 25.38
N THR A 159 10.18 -8.28 24.62
CA THR A 159 11.23 -7.93 23.67
C THR A 159 10.62 -7.17 22.49
N VAL A 160 9.47 -7.66 21.99
CA VAL A 160 8.68 -7.08 20.90
C VAL A 160 8.16 -5.70 21.29
N VAL A 161 7.62 -5.57 22.52
CA VAL A 161 7.07 -4.32 23.08
C VAL A 161 8.19 -3.26 23.18
N ALA A 162 9.35 -3.63 23.78
CA ALA A 162 10.53 -2.76 23.95
C ALA A 162 11.08 -2.29 22.58
N SER A 163 11.13 -3.20 21.59
CA SER A 163 11.58 -2.95 20.21
C SER A 163 10.69 -1.90 19.52
N ASN A 164 9.35 -2.04 19.66
CA ASN A 164 8.35 -1.11 19.10
C ASN A 164 8.50 0.29 19.71
N ILE A 165 8.74 0.37 21.04
CA ILE A 165 8.93 1.64 21.75
C ILE A 165 10.20 2.35 21.21
N MET A 166 11.29 1.59 21.07
CA MET A 166 12.58 2.06 20.56
C MET A 166 12.55 2.45 19.07
N GLU A 167 11.83 1.68 18.24
CA GLU A 167 11.74 1.93 16.81
C GLU A 167 10.86 3.11 16.42
N VAL A 168 9.64 3.22 16.98
CA VAL A 168 8.72 4.25 16.52
C VAL A 168 8.04 5.08 17.65
N LYS A 169 8.07 4.62 18.92
CA LYS A 169 7.41 5.39 19.98
C LYS A 169 8.27 6.53 20.54
N ILE A 170 9.55 6.28 20.89
CA ILE A 170 10.46 7.30 21.44
C ILE A 170 10.64 8.50 20.48
N SER A 171 10.50 8.26 19.16
CA SER A 171 10.60 9.26 18.09
C SER A 171 9.27 9.99 17.80
N SER A 172 8.23 9.70 18.61
CA SER A 172 6.89 10.29 18.51
C SER A 172 6.94 11.80 18.89
N PRO A 173 6.09 12.68 18.28
CA PRO A 173 6.13 14.11 18.65
C PRO A 173 5.88 14.41 20.13
N ASP A 174 5.30 13.43 20.87
CA ASP A 174 5.01 13.47 22.30
C ASP A 174 6.31 13.48 23.12
N TYR A 175 7.37 12.83 22.60
CA TYR A 175 8.65 12.67 23.28
C TYR A 175 9.81 13.51 22.70
N LYS A 176 9.48 14.65 22.05
CA LYS A 176 10.43 15.58 21.43
C LYS A 176 11.49 16.14 22.41
N ASP A 177 11.06 16.54 23.62
CA ASP A 177 11.92 17.10 24.66
C ASP A 177 12.53 16.03 25.58
N CYS A 178 12.21 14.74 25.35
CA CYS A 178 12.68 13.62 26.17
C CYS A 178 13.86 12.86 25.56
N ASN A 179 14.69 12.23 26.42
CA ASN A 179 15.78 11.36 25.96
C ASN A 179 15.21 9.93 25.90
N SER A 180 15.85 9.04 25.12
CA SER A 180 15.41 7.66 24.90
C SER A 180 14.98 6.88 26.15
N ALA A 181 15.73 7.02 27.28
CA ALA A 181 15.46 6.32 28.54
C ALA A 181 14.18 6.81 29.24
N GLU A 182 13.97 8.15 29.29
CA GLU A 182 12.78 8.70 29.95
C GLU A 182 11.51 8.44 29.14
N ALA A 183 11.57 8.59 27.80
CA ALA A 183 10.48 8.28 26.88
C ALA A 183 10.06 6.80 26.98
N MET A 184 11.03 5.85 27.05
CA MET A 184 10.77 4.41 27.20
C MET A 184 10.07 4.13 28.54
N ASP A 185 10.59 4.70 29.63
CA ASP A 185 10.03 4.57 30.98
C ASP A 185 8.60 5.15 31.07
N ASP A 186 8.36 6.35 30.51
CA ASP A 186 7.05 6.99 30.47
C ASP A 186 6.05 6.16 29.67
N PHE A 187 6.50 5.59 28.52
CA PHE A 187 5.65 4.76 27.67
C PHE A 187 5.25 3.44 28.35
N MET A 188 6.14 2.83 29.16
CA MET A 188 5.83 1.61 29.89
C MET A 188 4.72 1.87 30.92
N LYS A 189 4.80 3.03 31.60
CA LYS A 189 3.81 3.50 32.58
C LYS A 189 2.48 3.80 31.87
N ARG A 190 2.55 4.38 30.67
CA ARG A 190 1.43 4.70 29.80
C ARG A 190 0.66 3.42 29.41
N ILE A 191 1.38 2.31 29.06
CA ILE A 191 0.81 1.00 28.72
C ILE A 191 0.06 0.45 29.95
N SER A 192 0.69 0.55 31.15
CA SER A 192 0.12 0.07 32.42
C SER A 192 -1.23 0.72 32.77
N CYS A 193 -1.46 1.99 32.34
CA CYS A 193 -2.72 2.76 32.53
C CYS A 193 -3.91 2.04 31.85
N TYR A 194 -3.64 1.29 30.76
CA TYR A 194 -4.63 0.58 29.94
C TYR A 194 -4.88 -0.88 30.35
N GLU A 195 -3.93 -1.51 31.04
CA GLU A 195 -3.97 -2.94 31.37
C GLU A 195 -5.15 -3.38 32.27
N ALA A 196 -5.52 -2.57 33.28
CA ALA A 196 -6.63 -2.89 34.19
C ALA A 196 -8.00 -2.98 33.52
N SER A 197 -8.34 -2.03 32.63
CA SER A 197 -9.65 -2.02 31.95
C SER A 197 -9.68 -2.80 30.64
N TYR A 198 -8.52 -3.33 30.17
CA TYR A 198 -8.44 -4.11 28.93
C TYR A 198 -9.22 -5.42 28.97
N GLN A 199 -10.21 -5.50 28.07
CA GLN A 199 -11.08 -6.65 27.83
C GLN A 199 -10.80 -7.13 26.40
N PRO A 200 -9.95 -8.18 26.23
CA PRO A 200 -9.67 -8.68 24.86
C PRO A 200 -10.94 -9.14 24.13
N LEU A 201 -10.88 -9.27 22.79
CA LEU A 201 -12.05 -9.77 22.03
C LEU A 201 -12.29 -11.21 22.44
N ASP A 202 -13.55 -11.57 22.66
CA ASP A 202 -13.93 -12.91 23.04
C ASP A 202 -14.86 -13.52 21.98
N PRO A 203 -14.33 -14.08 20.87
CA PRO A 203 -15.24 -14.64 19.84
C PRO A 203 -16.00 -15.89 20.30
N ASP A 204 -15.58 -16.49 21.44
CA ASP A 204 -16.18 -17.67 22.03
C ASP A 204 -17.56 -17.38 22.63
N LYS A 205 -17.66 -16.35 23.46
CA LYS A 205 -18.94 -16.01 24.07
C LYS A 205 -19.44 -14.60 23.73
N CYS A 206 -18.79 -13.55 24.25
CA CYS A 206 -19.22 -12.16 24.13
C CYS A 206 -19.21 -11.58 22.69
N ASP A 207 -18.11 -11.76 21.96
CA ASP A 207 -17.94 -11.21 20.61
C ASP A 207 -18.20 -12.23 19.49
N ARG A 208 -19.03 -13.28 19.78
CA ARG A 208 -19.35 -14.36 18.85
C ARG A 208 -19.93 -13.92 17.51
N ASP A 209 -20.76 -12.87 17.52
CA ASP A 209 -21.41 -12.38 16.31
C ASP A 209 -20.61 -11.27 15.60
N LEU A 210 -19.47 -10.85 16.18
CA LEU A 210 -18.62 -9.83 15.56
C LEU A 210 -17.70 -10.43 14.49
N SER A 211 -17.43 -9.65 13.44
CA SER A 211 -16.51 -9.98 12.36
C SER A 211 -15.16 -9.49 12.82
N LEU A 212 -14.25 -10.43 13.05
CA LEU A 212 -12.96 -10.07 13.61
C LEU A 212 -11.80 -10.97 13.20
N ILE A 213 -10.60 -10.44 13.38
CA ILE A 213 -9.33 -11.10 13.26
C ILE A 213 -8.51 -10.75 14.50
N LYS A 214 -7.97 -11.77 15.15
CA LYS A 214 -7.06 -11.66 16.27
C LYS A 214 -5.70 -12.06 15.70
N VAL A 215 -4.76 -11.10 15.64
CA VAL A 215 -3.37 -11.30 15.21
C VAL A 215 -2.65 -11.57 16.54
N ILE A 216 -2.22 -12.82 16.74
CA ILE A 216 -1.57 -13.25 17.97
C ILE A 216 -0.06 -13.45 17.75
N ASP A 217 0.74 -12.91 18.67
CA ASP A 217 2.21 -13.03 18.74
C ASP A 217 2.92 -12.65 17.44
N VAL A 218 2.64 -11.43 16.96
CA VAL A 218 3.23 -10.83 15.74
C VAL A 218 2.98 -11.76 14.51
N GLY A 219 1.73 -12.20 14.34
CA GLY A 219 1.29 -12.99 13.20
C GLY A 219 1.67 -14.45 13.16
N ARG A 220 1.97 -15.04 14.32
CA ARG A 220 2.32 -16.45 14.47
C ARG A 220 1.03 -17.27 14.39
N ARG A 221 -0.07 -16.70 14.88
CA ARG A 221 -1.38 -17.35 14.99
C ARG A 221 -2.49 -16.33 14.72
N PHE A 222 -3.63 -16.81 14.22
CA PHE A 222 -4.78 -15.97 13.91
C PHE A 222 -6.09 -16.61 14.32
N LEU A 223 -6.97 -15.81 14.92
CA LEU A 223 -8.33 -16.24 15.23
C LEU A 223 -9.21 -15.38 14.31
N VAL A 224 -9.92 -16.05 13.40
CA VAL A 224 -10.75 -15.39 12.39
C VAL A 224 -12.19 -15.74 12.67
N ASN A 225 -13.02 -14.73 12.92
CA ASN A 225 -14.43 -14.96 13.21
C ASN A 225 -15.34 -14.19 12.28
N ARG A 226 -16.31 -14.93 11.68
CA ARG A 226 -17.38 -14.42 10.82
C ARG A 226 -16.96 -13.43 9.74
N VAL A 227 -16.08 -13.86 8.80
CA VAL A 227 -15.69 -13.00 7.67
C VAL A 227 -16.91 -12.90 6.74
N GLN A 228 -17.53 -11.72 6.70
CA GLN A 228 -18.78 -11.45 5.96
C GLN A 228 -18.59 -11.30 4.45
N ASP A 229 -17.54 -10.58 4.03
CA ASP A 229 -17.42 -10.23 2.62
C ASP A 229 -16.03 -10.35 1.99
N HIS A 230 -15.93 -9.93 0.73
N HIS A 230 -15.93 -9.93 0.73
CA HIS A 230 -14.75 -9.94 -0.13
CA HIS A 230 -14.75 -9.92 -0.14
C HIS A 230 -13.57 -9.16 0.46
C HIS A 230 -13.57 -9.16 0.46
N ILE A 231 -13.80 -7.90 0.89
CA ILE A 231 -12.77 -7.01 1.43
C ILE A 231 -12.18 -7.51 2.76
N GLN A 232 -13.00 -8.06 3.67
CA GLN A 232 -12.56 -8.63 4.93
C GLN A 232 -11.71 -9.87 4.70
N SER A 233 -12.11 -10.69 3.72
CA SER A 233 -11.40 -11.89 3.32
C SER A 233 -10.01 -11.54 2.74
N ARG A 234 -9.93 -10.47 1.93
CA ARG A 234 -8.70 -9.93 1.33
C ARG A 234 -7.73 -9.43 2.41
N ILE A 235 -8.26 -8.70 3.44
CA ILE A 235 -7.51 -8.15 4.58
C ILE A 235 -6.87 -9.29 5.34
N VAL A 236 -7.68 -10.33 5.63
CA VAL A 236 -7.23 -11.51 6.36
C VAL A 236 -6.08 -12.20 5.61
N TYR A 237 -6.25 -12.40 4.30
CA TYR A 237 -5.23 -13.00 3.43
C TYR A 237 -3.94 -12.14 3.42
N TYR A 238 -4.09 -10.82 3.33
CA TYR A 238 -2.96 -9.88 3.36
C TYR A 238 -2.16 -9.99 4.68
N LEU A 239 -2.87 -9.92 5.83
CA LEU A 239 -2.28 -10.02 7.18
C LEU A 239 -1.54 -11.33 7.40
N MET A 240 -2.02 -12.39 6.77
CA MET A 240 -1.39 -13.69 6.82
C MET A 240 -0.17 -13.83 5.92
N ASN A 241 0.03 -12.93 4.93
CA ASN A 241 1.14 -12.96 3.98
C ASN A 241 2.27 -12.02 4.30
N ILE A 242 1.97 -10.90 4.95
CA ILE A 242 2.98 -9.92 5.35
C ILE A 242 3.75 -10.50 6.53
N HIS A 243 4.92 -9.94 6.82
CA HIS A 243 5.78 -10.35 7.94
C HIS A 243 6.61 -9.16 8.35
N VAL A 244 7.25 -9.23 9.52
CA VAL A 244 8.08 -8.15 10.05
C VAL A 244 9.57 -8.53 10.08
N GLN A 245 9.95 -9.58 9.34
CA GLN A 245 11.33 -10.05 9.23
C GLN A 245 12.15 -9.06 8.41
N PRO A 246 13.43 -8.81 8.77
CA PRO A 246 14.21 -7.83 7.98
C PRO A 246 14.58 -8.39 6.60
N ARG A 247 14.53 -7.51 5.58
CA ARG A 247 14.82 -7.87 4.18
C ARG A 247 15.00 -6.66 3.26
N THR A 248 15.42 -6.90 2.01
CA THR A 248 15.61 -5.83 1.03
C THR A 248 14.92 -6.18 -0.28
N ILE A 249 14.28 -5.18 -0.88
CA ILE A 249 13.63 -5.31 -2.18
C ILE A 249 14.40 -4.44 -3.17
N TYR A 250 14.97 -5.07 -4.19
CA TYR A 250 15.68 -4.35 -5.24
C TYR A 250 14.78 -4.36 -6.47
N LEU A 251 14.54 -3.20 -7.05
CA LEU A 251 13.71 -3.05 -8.23
C LEU A 251 14.54 -2.36 -9.30
N CYS A 252 14.49 -2.88 -10.53
CA CYS A 252 15.16 -2.25 -11.66
C CYS A 252 14.48 -2.67 -12.95
N ARG A 253 14.79 -1.97 -14.03
CA ARG A 253 14.30 -2.28 -15.35
C ARG A 253 15.35 -3.18 -16.00
N HIS A 254 14.99 -3.81 -17.10
CA HIS A 254 15.92 -4.58 -17.93
C HIS A 254 17.00 -3.56 -18.41
N GLY A 255 18.17 -4.05 -18.83
CA GLY A 255 19.18 -3.16 -19.41
C GLY A 255 18.62 -2.60 -20.71
N GLU A 256 19.09 -1.43 -21.16
CA GLU A 256 18.65 -0.77 -22.39
C GLU A 256 18.45 -1.77 -23.56
N ASN A 257 17.31 -1.69 -24.26
CA ASN A 257 17.05 -2.59 -25.38
C ASN A 257 17.08 -1.87 -26.75
N GLU A 258 16.95 -2.63 -27.84
CA GLU A 258 16.98 -2.05 -29.20
C GLU A 258 15.82 -1.06 -29.47
N HIS A 259 14.62 -1.34 -28.92
CA HIS A 259 13.44 -0.47 -29.03
C HIS A 259 13.64 0.84 -28.30
N ASN A 260 14.37 0.80 -27.16
CA ASN A 260 14.70 2.00 -26.40
C ASN A 260 15.51 2.93 -27.27
N LEU A 261 16.50 2.39 -28.02
CA LEU A 261 17.36 3.18 -28.92
C LEU A 261 16.58 3.85 -30.06
N GLN A 262 15.52 3.18 -30.54
CA GLN A 262 14.68 3.67 -31.64
C GLN A 262 13.49 4.52 -31.14
N GLY A 263 13.34 4.64 -29.82
CA GLY A 263 12.22 5.35 -29.20
C GLY A 263 10.88 4.65 -29.39
N ARG A 264 10.90 3.31 -29.57
CA ARG A 264 9.72 2.48 -29.80
C ARG A 264 9.17 1.88 -28.51
N ILE A 265 7.83 1.86 -28.37
CA ILE A 265 7.15 1.32 -27.17
C ILE A 265 6.78 -0.16 -27.37
N GLY A 266 6.66 -0.88 -26.26
CA GLY A 266 6.35 -2.30 -26.25
C GLY A 266 7.36 -3.18 -26.97
N GLY A 267 6.85 -4.22 -27.62
CA GLY A 267 7.66 -5.17 -28.37
C GLY A 267 8.40 -6.13 -27.47
N ASP A 268 9.28 -6.94 -28.06
CA ASP A 268 10.05 -7.94 -27.31
C ASP A 268 11.51 -7.94 -27.79
N SER A 269 12.09 -6.75 -27.93
CA SER A 269 13.46 -6.59 -28.40
C SER A 269 14.50 -7.02 -27.34
N GLY A 270 15.72 -7.32 -27.81
CA GLY A 270 16.83 -7.71 -26.96
C GLY A 270 17.68 -6.55 -26.51
N LEU A 271 18.59 -6.83 -25.55
CA LEU A 271 19.52 -5.84 -24.99
C LEU A 271 20.42 -5.25 -26.04
N SER A 272 20.66 -3.93 -25.95
CA SER A 272 21.62 -3.19 -26.77
C SER A 272 23.01 -3.47 -26.14
N SER A 273 24.11 -2.96 -26.74
CA SER A 273 25.45 -3.15 -26.17
C SER A 273 25.56 -2.54 -24.77
N ARG A 274 24.93 -1.37 -24.55
CA ARG A 274 24.89 -0.70 -23.24
C ARG A 274 24.06 -1.51 -22.23
N GLY A 275 22.92 -2.07 -22.68
CA GLY A 275 22.06 -2.92 -21.87
C GLY A 275 22.79 -4.12 -21.32
N LYS A 276 23.65 -4.74 -22.16
CA LYS A 276 24.50 -5.90 -21.80
C LYS A 276 25.56 -5.46 -20.78
N LYS A 277 26.07 -4.21 -20.91
CA LYS A 277 27.04 -3.63 -19.97
C LYS A 277 26.37 -3.42 -18.60
N PHE A 278 25.11 -2.94 -18.59
CA PHE A 278 24.34 -2.78 -17.35
C PHE A 278 24.16 -4.13 -16.66
N ALA A 279 23.80 -5.17 -17.44
CA ALA A 279 23.56 -6.53 -16.95
C ALA A 279 24.80 -7.05 -16.19
N SER A 280 26.02 -6.84 -16.74
CA SER A 280 27.31 -7.15 -16.09
C SER A 280 27.49 -6.29 -14.83
N ALA A 281 27.18 -4.99 -14.93
CA ALA A 281 27.31 -4.07 -13.80
C ALA A 281 26.35 -4.49 -12.66
N LEU A 282 25.14 -4.95 -13.00
CA LEU A 282 24.13 -5.43 -12.07
C LEU A 282 24.61 -6.67 -11.32
N SER A 283 25.26 -7.61 -12.03
CA SER A 283 25.84 -8.81 -11.43
C SER A 283 26.89 -8.45 -10.34
N LYS A 284 27.79 -7.50 -10.65
CA LYS A 284 28.80 -7.01 -9.73
C LYS A 284 28.13 -6.35 -8.52
N PHE A 285 27.12 -5.48 -8.77
CA PHE A 285 26.35 -4.83 -7.72
C PHE A 285 25.71 -5.88 -6.78
N VAL A 286 24.99 -6.87 -7.36
CA VAL A 286 24.32 -7.94 -6.61
C VAL A 286 25.32 -8.71 -5.72
N GLU A 287 26.46 -9.09 -6.29
CA GLU A 287 27.56 -9.77 -5.61
C GLU A 287 28.06 -8.96 -4.38
N GLU A 288 28.25 -7.64 -4.57
CA GLU A 288 28.69 -6.71 -3.53
C GLU A 288 27.67 -6.52 -2.39
N GLN A 289 26.39 -6.85 -2.62
CA GLN A 289 25.34 -6.75 -1.62
C GLN A 289 25.44 -7.85 -0.56
N ASN A 290 26.13 -8.98 -0.90
CA ASN A 290 26.43 -10.10 0.00
C ASN A 290 25.17 -10.65 0.72
N LEU A 291 24.10 -10.93 -0.04
CA LEU A 291 22.83 -11.41 0.49
C LEU A 291 22.83 -12.94 0.59
N LYS A 292 22.53 -13.49 1.80
CA LYS A 292 22.48 -14.92 2.12
C LYS A 292 21.68 -15.71 1.07
N ASP A 293 20.46 -15.24 0.79
CA ASP A 293 19.57 -15.78 -0.21
C ASP A 293 18.98 -14.60 -0.93
N LEU A 294 18.71 -14.74 -2.24
CA LEU A 294 18.11 -13.71 -3.07
C LEU A 294 17.24 -14.37 -4.13
N ARG A 295 15.96 -13.95 -4.20
CA ARG A 295 15.05 -14.44 -5.22
C ARG A 295 15.13 -13.44 -6.35
N VAL A 296 15.19 -13.92 -7.59
CA VAL A 296 15.26 -13.05 -8.77
C VAL A 296 14.03 -13.28 -9.61
N TRP A 297 13.27 -12.21 -9.86
CA TRP A 297 12.06 -12.26 -10.68
C TRP A 297 12.22 -11.39 -11.92
N THR A 298 11.75 -11.92 -13.05
CA THR A 298 11.77 -11.23 -14.34
C THR A 298 10.36 -11.33 -14.93
N SER A 299 10.15 -10.64 -16.07
CA SER A 299 8.96 -10.73 -16.86
C SER A 299 9.22 -11.91 -17.85
N GLN A 300 8.30 -12.14 -18.80
CA GLN A 300 8.55 -13.16 -19.81
C GLN A 300 9.13 -12.52 -21.08
N LEU A 301 9.42 -11.22 -21.04
CA LEU A 301 10.01 -10.51 -22.17
C LEU A 301 11.52 -10.65 -22.13
N LYS A 302 12.12 -10.90 -23.32
CA LYS A 302 13.53 -11.15 -23.57
C LYS A 302 14.53 -10.27 -22.80
N SER A 303 14.32 -8.95 -22.83
CA SER A 303 15.25 -7.96 -22.25
C SER A 303 15.48 -8.13 -20.75
N THR A 304 14.42 -8.52 -20.00
CA THR A 304 14.56 -8.75 -18.54
C THR A 304 15.26 -10.09 -18.27
N ILE A 305 15.02 -11.10 -19.11
CA ILE A 305 15.59 -12.45 -18.99
C ILE A 305 17.09 -12.41 -19.31
N GLN A 306 17.48 -11.63 -20.33
CA GLN A 306 18.88 -11.47 -20.73
C GLN A 306 19.66 -10.78 -19.61
N THR A 307 19.03 -9.79 -18.92
CA THR A 307 19.59 -9.06 -17.78
C THR A 307 19.82 -10.04 -16.62
N ALA A 308 18.82 -10.90 -16.31
CA ALA A 308 18.93 -11.92 -15.25
C ALA A 308 19.96 -12.99 -15.57
N GLU A 309 20.11 -13.33 -16.87
CA GLU A 309 21.09 -14.31 -17.34
C GLU A 309 22.53 -13.93 -16.94
N ALA A 310 22.83 -12.62 -16.91
CA ALA A 310 24.13 -12.08 -16.53
C ALA A 310 24.46 -12.28 -15.04
N LEU A 311 23.43 -12.49 -14.19
CA LEU A 311 23.60 -12.67 -12.74
C LEU A 311 24.14 -14.03 -12.33
N ARG A 312 23.93 -15.07 -13.16
CA ARG A 312 24.29 -16.47 -12.88
C ARG A 312 23.62 -16.97 -11.58
N LEU A 313 22.36 -16.55 -11.40
CA LEU A 313 21.55 -16.91 -10.26
C LEU A 313 20.26 -17.50 -10.78
N PRO A 314 19.60 -18.43 -10.05
CA PRO A 314 18.27 -18.90 -10.49
C PRO A 314 17.27 -17.74 -10.52
N TYR A 315 16.38 -17.73 -11.50
CA TYR A 315 15.36 -16.69 -11.62
C TYR A 315 14.03 -17.28 -12.06
N GLU A 316 12.96 -16.56 -11.76
CA GLU A 316 11.60 -16.98 -12.06
C GLU A 316 10.96 -15.91 -12.97
N GLN A 317 10.39 -16.34 -14.10
CA GLN A 317 9.71 -15.47 -15.05
C GLN A 317 8.23 -15.37 -14.71
N TRP A 318 7.70 -14.15 -14.62
CA TRP A 318 6.28 -13.88 -14.35
C TRP A 318 5.69 -13.17 -15.53
N LYS A 319 4.61 -13.70 -16.10
CA LYS A 319 3.87 -13.05 -17.17
C LYS A 319 3.22 -11.76 -16.63
N ALA A 320 2.85 -11.73 -15.32
CA ALA A 320 2.29 -10.54 -14.67
C ALA A 320 3.26 -9.33 -14.64
N LEU A 321 4.57 -9.56 -14.82
CA LEU A 321 5.62 -8.53 -14.84
C LEU A 321 5.88 -7.95 -16.23
N ASN A 322 5.22 -8.51 -17.27
CA ASN A 322 5.36 -8.04 -18.66
C ASN A 322 4.93 -6.59 -18.73
N GLU A 323 5.59 -5.80 -19.58
CA GLU A 323 5.26 -4.39 -19.75
C GLU A 323 3.80 -4.15 -20.11
N ILE A 324 3.25 -2.97 -19.76
CA ILE A 324 1.89 -2.54 -20.15
C ILE A 324 1.67 -2.84 -21.67
N ASP A 325 0.51 -3.38 -22.01
CA ASP A 325 0.21 -3.70 -23.40
C ASP A 325 -0.32 -2.45 -24.11
N ALA A 326 0.40 -1.99 -25.15
CA ALA A 326 0.00 -0.80 -25.90
C ALA A 326 -1.03 -1.05 -27.03
N GLY A 327 -1.52 -2.28 -27.14
CA GLY A 327 -2.51 -2.67 -28.14
C GLY A 327 -2.06 -2.40 -29.55
N VAL A 328 -2.83 -1.56 -30.29
CA VAL A 328 -2.53 -1.18 -31.68
C VAL A 328 -1.26 -0.28 -31.81
N CYS A 329 -0.86 0.37 -30.70
CA CYS A 329 0.30 1.26 -30.65
C CYS A 329 1.61 0.53 -30.35
N GLU A 330 1.58 -0.80 -30.17
CA GLU A 330 2.79 -1.59 -29.91
C GLU A 330 3.81 -1.42 -31.05
N GLU A 331 5.11 -1.28 -30.68
CA GLU A 331 6.29 -1.18 -31.57
C GLU A 331 6.40 0.15 -32.33
N LEU A 332 5.53 1.12 -32.00
CA LEU A 332 5.50 2.45 -32.60
C LEU A 332 6.28 3.42 -31.73
N THR A 333 6.76 4.50 -32.34
CA THR A 333 7.42 5.56 -31.59
C THR A 333 6.30 6.50 -31.14
N TYR A 334 6.56 7.40 -30.16
CA TYR A 334 5.53 8.35 -29.70
C TYR A 334 5.15 9.34 -30.80
N GLU A 335 6.09 9.66 -31.71
CA GLU A 335 5.87 10.55 -32.84
C GLU A 335 4.89 9.90 -33.81
N GLU A 336 5.09 8.60 -34.11
CA GLU A 336 4.19 7.81 -34.95
C GLU A 336 2.80 7.66 -34.32
N ILE A 337 2.72 7.65 -32.97
CA ILE A 337 1.44 7.54 -32.26
C ILE A 337 0.69 8.87 -32.43
N ARG A 338 1.36 9.99 -32.19
CA ARG A 338 0.78 11.33 -32.34
C ARG A 338 0.29 11.62 -33.77
N ASP A 339 1.00 11.09 -34.78
CA ASP A 339 0.67 11.34 -36.18
C ASP A 339 -0.43 10.40 -36.71
N THR A 340 -0.42 9.11 -36.33
CA THR A 340 -1.41 8.12 -36.77
C THR A 340 -2.68 8.16 -35.89
N TYR A 341 -2.51 8.31 -34.56
CA TYR A 341 -3.60 8.33 -33.57
C TYR A 341 -3.55 9.63 -32.73
N PRO A 342 -3.83 10.84 -33.30
CA PRO A 342 -3.75 12.07 -32.49
C PRO A 342 -4.77 12.18 -31.36
N GLU A 343 -6.00 11.66 -31.57
CA GLU A 343 -7.06 11.67 -30.57
C GLU A 343 -6.64 10.79 -29.37
N GLU A 344 -6.12 9.59 -29.65
CA GLU A 344 -5.63 8.64 -28.66
C GLU A 344 -4.48 9.21 -27.83
N TYR A 345 -3.50 9.87 -28.52
CA TYR A 345 -2.34 10.51 -27.91
C TYR A 345 -2.76 11.58 -26.89
N ALA A 346 -3.65 12.51 -27.31
CA ALA A 346 -4.17 13.58 -26.45
C ALA A 346 -4.98 13.05 -25.26
N LEU A 347 -5.83 12.01 -25.48
CA LEU A 347 -6.63 11.37 -24.42
C LEU A 347 -5.75 10.79 -23.29
N ARG A 348 -4.65 10.11 -23.66
CA ARG A 348 -3.68 9.52 -22.74
C ARG A 348 -2.98 10.59 -21.92
N GLU A 349 -2.50 11.68 -22.59
CA GLU A 349 -1.84 12.82 -21.96
C GLU A 349 -2.72 13.46 -20.90
N GLN A 350 -4.05 13.50 -21.15
CA GLN A 350 -5.03 14.09 -20.24
C GLN A 350 -5.38 13.18 -19.06
N ASP A 351 -5.41 11.83 -19.28
CA ASP A 351 -5.80 10.87 -18.24
C ASP A 351 -4.93 9.62 -18.29
N LYS A 352 -3.63 9.77 -17.99
CA LYS A 352 -2.63 8.71 -18.10
C LYS A 352 -2.90 7.44 -17.26
N TYR A 353 -3.51 7.56 -16.07
CA TYR A 353 -3.79 6.39 -15.25
C TYR A 353 -4.93 5.51 -15.78
N TYR A 354 -6.05 6.12 -16.15
CA TYR A 354 -7.27 5.44 -16.59
C TYR A 354 -7.32 5.14 -18.07
N TYR A 355 -6.54 5.86 -18.88
CA TYR A 355 -6.48 5.66 -20.31
C TYR A 355 -6.12 4.22 -20.68
N ARG A 356 -6.93 3.62 -21.54
CA ARG A 356 -6.62 2.28 -22.03
C ARG A 356 -6.26 2.39 -23.51
N TYR A 357 -5.15 1.79 -23.91
CA TYR A 357 -4.74 1.72 -25.32
C TYR A 357 -5.75 0.82 -26.08
N PRO A 358 -6.08 1.10 -27.37
CA PRO A 358 -7.04 0.22 -28.08
C PRO A 358 -6.51 -1.20 -28.24
N THR A 359 -7.26 -2.20 -27.70
CA THR A 359 -6.94 -3.63 -27.61
C THR A 359 -5.78 -3.84 -26.61
N GLY A 360 -5.49 -2.80 -25.82
CA GLY A 360 -4.42 -2.76 -24.85
C GLY A 360 -4.83 -2.49 -23.43
N GLU A 361 -3.89 -1.99 -22.62
CA GLU A 361 -4.10 -1.79 -21.20
C GLU A 361 -3.96 -0.35 -20.74
N SER A 362 -4.38 -0.14 -19.48
CA SER A 362 -4.23 1.09 -18.69
C SER A 362 -3.32 0.75 -17.49
N TYR A 363 -2.83 1.78 -16.76
CA TYR A 363 -2.09 1.63 -15.50
C TYR A 363 -3.03 0.95 -14.47
N GLN A 364 -4.33 1.27 -14.55
CA GLN A 364 -5.39 0.66 -13.74
C GLN A 364 -5.41 -0.86 -13.94
N ASP A 365 -5.28 -1.35 -15.21
CA ASP A 365 -5.19 -2.79 -15.52
C ASP A 365 -3.93 -3.40 -14.95
N LEU A 366 -2.80 -2.66 -15.02
CA LEU A 366 -1.51 -3.10 -14.48
C LEU A 366 -1.59 -3.45 -13.00
N VAL A 367 -2.21 -2.57 -12.18
CA VAL A 367 -2.45 -2.77 -10.72
C VAL A 367 -3.14 -4.10 -10.49
N GLN A 368 -4.25 -4.37 -11.22
CA GLN A 368 -4.99 -5.63 -11.09
C GLN A 368 -4.11 -6.85 -11.36
N ARG A 369 -3.27 -6.78 -12.42
CA ARG A 369 -2.32 -7.83 -12.84
C ARG A 369 -1.21 -8.02 -11.80
N LEU A 370 -0.73 -6.91 -11.24
CA LEU A 370 0.40 -6.92 -10.31
C LEU A 370 0.05 -7.27 -8.86
N GLU A 371 -1.23 -7.28 -8.52
CA GLU A 371 -1.63 -7.61 -7.15
C GLU A 371 -1.02 -8.96 -6.65
N PRO A 372 -1.09 -10.08 -7.42
CA PRO A 372 -0.42 -11.33 -6.96
C PRO A 372 1.10 -11.17 -6.80
N VAL A 373 1.74 -10.26 -7.59
CA VAL A 373 3.18 -9.98 -7.48
C VAL A 373 3.45 -9.35 -6.12
N ILE A 374 2.64 -8.35 -5.74
CA ILE A 374 2.72 -7.62 -4.46
C ILE A 374 2.54 -8.58 -3.27
N MET A 375 1.53 -9.46 -3.36
CA MET A 375 1.25 -10.44 -2.32
C MET A 375 2.43 -11.40 -2.12
N GLU A 376 3.09 -11.80 -3.23
CA GLU A 376 4.25 -12.66 -3.15
C GLU A 376 5.49 -11.89 -2.66
N LEU A 377 5.63 -10.60 -3.04
CA LEU A 377 6.72 -9.76 -2.57
C LEU A 377 6.66 -9.59 -1.06
N GLU A 378 5.43 -9.51 -0.52
CA GLU A 378 5.18 -9.40 0.91
C GLU A 378 5.63 -10.66 1.65
N ARG A 379 5.32 -11.86 1.12
CA ARG A 379 5.70 -13.17 1.69
C ARG A 379 7.21 -13.41 1.73
N GLN A 380 7.91 -12.93 0.70
CA GLN A 380 9.34 -13.13 0.49
C GLN A 380 10.24 -12.27 1.35
N GLU A 381 11.55 -12.47 1.24
CA GLU A 381 12.54 -11.69 1.96
C GLU A 381 13.34 -10.83 0.97
N ASN A 382 14.55 -11.27 0.57
CA ASN A 382 15.40 -10.53 -0.35
C ASN A 382 14.96 -10.87 -1.74
N VAL A 383 14.53 -9.87 -2.50
CA VAL A 383 14.01 -10.08 -3.86
C VAL A 383 14.56 -9.02 -4.80
N LEU A 384 14.97 -9.44 -6.00
CA LEU A 384 15.38 -8.56 -7.06
C LEU A 384 14.35 -8.73 -8.19
N VAL A 385 13.66 -7.64 -8.55
CA VAL A 385 12.64 -7.64 -9.60
C VAL A 385 13.24 -6.85 -10.77
N ILE A 386 13.45 -7.54 -11.91
CA ILE A 386 13.94 -6.97 -13.15
C ILE A 386 12.70 -6.82 -14.05
N CYS A 387 12.22 -5.58 -14.23
CA CYS A 387 10.99 -5.41 -15.00
C CYS A 387 11.04 -4.27 -16.04
N HIS A 388 9.94 -3.52 -16.18
CA HIS A 388 9.72 -2.50 -17.22
C HIS A 388 9.20 -1.21 -16.61
N GLN A 389 9.35 -0.10 -17.32
CA GLN A 389 9.03 1.26 -16.87
C GLN A 389 7.65 1.39 -16.18
N ALA A 390 6.54 1.05 -16.87
CA ALA A 390 5.19 1.17 -16.30
C ALA A 390 4.93 0.23 -15.14
N VAL A 391 5.44 -1.03 -15.23
CA VAL A 391 5.35 -2.05 -14.18
C VAL A 391 6.04 -1.54 -12.92
N LEU A 392 7.27 -1.01 -13.08
CA LEU A 392 8.09 -0.47 -12.01
C LEU A 392 7.40 0.73 -11.30
N ARG A 393 6.86 1.67 -12.07
CA ARG A 393 6.09 2.81 -11.52
C ARG A 393 4.94 2.28 -10.64
N CYS A 394 4.19 1.25 -11.10
N CYS A 394 4.19 1.27 -11.12
CA CYS A 394 3.07 0.65 -10.37
CA CYS A 394 3.06 0.64 -10.44
C CYS A 394 3.50 0.03 -9.05
C CYS A 394 3.44 -0.04 -9.11
N LEU A 395 4.58 -0.76 -9.07
CA LEU A 395 5.12 -1.43 -7.86
C LEU A 395 5.65 -0.38 -6.87
N LEU A 396 6.38 0.62 -7.40
CA LEU A 396 6.94 1.72 -6.62
C LEU A 396 5.84 2.55 -5.94
N ALA A 397 4.72 2.80 -6.64
CA ALA A 397 3.57 3.50 -6.08
C ALA A 397 2.98 2.73 -4.90
N TYR A 398 3.02 1.39 -4.93
CA TYR A 398 2.58 0.59 -3.79
C TYR A 398 3.53 0.78 -2.58
N PHE A 399 4.84 0.59 -2.79
CA PHE A 399 5.82 0.68 -1.72
C PHE A 399 5.99 2.08 -1.14
N LEU A 400 5.88 3.12 -2.00
CA LEU A 400 6.04 4.53 -1.64
C LEU A 400 4.73 5.27 -1.37
N ASP A 401 3.59 4.53 -1.34
CA ASP A 401 2.26 5.09 -1.08
C ASP A 401 1.92 6.30 -2.02
N LYS A 402 2.13 6.13 -3.33
CA LYS A 402 1.83 7.16 -4.33
C LYS A 402 0.44 6.94 -4.89
N SER A 403 -0.27 8.02 -5.18
CA SER A 403 -1.64 7.98 -5.71
C SER A 403 -1.67 7.52 -7.17
N ALA A 404 -2.88 7.16 -7.66
CA ALA A 404 -3.16 6.75 -9.03
C ALA A 404 -2.72 7.86 -10.01
N GLU A 405 -2.99 9.13 -9.65
CA GLU A 405 -2.61 10.31 -10.43
C GLU A 405 -1.09 10.50 -10.54
N GLU A 406 -0.33 10.26 -9.45
CA GLU A 406 1.14 10.38 -9.48
C GLU A 406 1.82 9.22 -10.21
N MET A 407 1.33 7.98 -10.01
CA MET A 407 1.86 6.72 -10.52
C MET A 407 2.40 6.75 -12.00
N PRO A 408 1.64 7.19 -13.05
CA PRO A 408 2.22 7.16 -14.40
C PRO A 408 3.40 8.10 -14.66
N TYR A 409 3.76 8.96 -13.69
CA TYR A 409 4.82 9.95 -13.84
C TYR A 409 6.03 9.73 -12.93
N LEU A 410 6.05 8.63 -12.15
CA LEU A 410 7.19 8.33 -11.27
C LEU A 410 8.44 8.08 -12.11
N LYS A 411 9.59 8.63 -11.67
CA LYS A 411 10.87 8.51 -12.36
C LYS A 411 11.50 7.17 -12.04
N CYS A 412 11.68 6.34 -13.09
CA CYS A 412 12.24 5.00 -13.02
C CYS A 412 13.29 4.89 -14.14
N PRO A 413 14.46 5.57 -14.01
CA PRO A 413 15.43 5.54 -15.11
C PRO A 413 16.06 4.18 -15.37
N LEU A 414 16.57 3.99 -16.59
CA LEU A 414 17.29 2.78 -16.99
C LEU A 414 18.63 2.74 -16.26
N HIS A 415 19.16 1.54 -16.04
CA HIS A 415 20.48 1.26 -15.46
C HIS A 415 20.64 1.78 -14.03
N THR A 416 19.52 1.83 -13.30
CA THR A 416 19.40 2.33 -11.94
C THR A 416 18.59 1.34 -11.07
N VAL A 417 19.19 0.92 -9.95
CA VAL A 417 18.56 0.01 -8.98
C VAL A 417 17.89 0.83 -7.88
N LEU A 418 16.64 0.51 -7.57
CA LEU A 418 15.90 1.12 -6.48
C LEU A 418 15.93 0.13 -5.33
N LYS A 419 16.67 0.46 -4.26
CA LYS A 419 16.87 -0.38 -3.08
C LYS A 419 15.85 0.05 -2.03
N LEU A 420 14.92 -0.87 -1.69
CA LEU A 420 13.85 -0.60 -0.73
C LEU A 420 14.09 -1.32 0.57
N THR A 421 14.15 -0.55 1.67
CA THR A 421 14.36 -1.08 3.00
C THR A 421 13.16 -0.73 3.90
N PRO A 422 12.40 -1.75 4.37
CA PRO A 422 11.24 -1.46 5.21
C PRO A 422 11.70 -0.95 6.58
N VAL A 423 11.27 0.28 6.95
CA VAL A 423 11.65 0.91 8.23
C VAL A 423 10.52 1.81 8.76
N ALA A 424 10.21 1.69 10.09
CA ALA A 424 9.13 2.38 10.83
C ALA A 424 7.73 2.08 10.23
N TYR A 425 7.10 3.05 9.53
CA TYR A 425 5.79 2.87 8.91
C TYR A 425 5.79 2.91 7.36
N GLY A 426 6.95 2.72 6.74
CA GLY A 426 7.09 2.71 5.28
C GLY A 426 8.51 2.41 4.79
N CYS A 427 8.70 2.43 3.48
CA CYS A 427 10.00 2.10 2.89
C CYS A 427 11.00 3.26 2.77
N ARG A 428 12.26 2.96 3.08
CA ARG A 428 13.38 3.85 2.84
C ARG A 428 13.79 3.47 1.40
N VAL A 429 13.95 4.47 0.53
CA VAL A 429 14.34 4.24 -0.86
C VAL A 429 15.73 4.85 -1.14
N GLU A 430 16.65 4.00 -1.61
CA GLU A 430 17.99 4.39 -2.02
C GLU A 430 18.05 4.09 -3.52
N SER A 431 18.59 5.02 -4.29
CA SER A 431 18.76 4.85 -5.73
C SER A 431 20.26 4.56 -5.99
N ILE A 432 20.56 3.55 -6.83
CA ILE A 432 21.94 3.19 -7.17
C ILE A 432 22.09 3.11 -8.71
N TYR A 433 22.69 4.17 -9.30
CA TYR A 433 22.95 4.22 -10.74
C TYR A 433 24.22 3.41 -11.00
N LEU A 434 24.17 2.46 -11.94
CA LEU A 434 25.28 1.53 -12.15
C LEU A 434 26.29 2.00 -13.23
N ASN A 435 26.35 3.32 -13.45
CA ASN A 435 27.33 4.01 -14.27
C ASN A 435 27.48 3.46 -15.71
N VAL A 436 26.34 3.20 -16.36
CA VAL A 436 26.27 2.74 -17.75
C VAL A 436 25.26 3.67 -18.41
N GLU A 437 25.67 4.33 -19.49
CA GLU A 437 24.84 5.25 -20.28
C GLU A 437 23.69 4.50 -20.95
N SER A 438 22.59 5.22 -21.17
CA SER A 438 21.38 4.75 -21.83
C SER A 438 20.62 5.96 -22.32
N VAL A 439 19.57 5.73 -23.10
CA VAL A 439 18.64 6.76 -23.54
C VAL A 439 17.72 7.07 -22.32
N CYS A 440 16.94 8.15 -22.40
CA CYS A 440 15.98 8.52 -21.36
C CYS A 440 14.60 8.20 -21.92
N THR A 441 13.78 7.45 -21.16
CA THR A 441 12.44 7.08 -21.63
C THR A 441 11.35 7.81 -20.83
N HIS A 442 11.75 8.67 -19.88
CA HIS A 442 10.82 9.44 -19.06
C HIS A 442 10.21 10.62 -19.81
N ARG A 443 8.88 10.76 -19.70
CA ARG A 443 8.10 11.84 -20.32
C ARG A 443 7.18 12.46 -19.26
N GLU A 444 7.41 13.74 -18.95
CA GLU A 444 6.64 14.50 -17.95
C GLU A 444 5.27 14.89 -18.50
N ARG A 445 4.33 15.28 -17.61
CA ARG A 445 2.98 15.69 -18.02
C ARG A 445 2.98 17.05 -18.71
#